data_9HQ2
#
_entry.id   9HQ2
#
_cell.length_a   133.460
_cell.length_b   133.460
_cell.length_c   93.910
_cell.angle_alpha   90.00
_cell.angle_beta   90.00
_cell.angle_gamma   120.00
#
_symmetry.space_group_name_H-M   'P 6 2 2'
#
loop_
_entity.id
_entity.type
_entity.pdbx_description
1 polymer NcECS
2 non-polymer 'MAGNESIUM ION'
3 non-polymer GLYCEROL
4 non-polymer 1,2-ETHANEDIOL
5 water water
#
_entity_poly.entity_id   1
_entity_poly.type   'polypeptide(L)'
_entity_poly.pdbx_seq_one_letter_code
;SATSAHSFTGRPLHIPPLPCPFPSEINEHADAVDEESHTWLAASHMLKGADTVEHFRRSKIGTLAARTNPTVPRDSLRLI
NDWYNWLFAFDDAFCEGELMGHRASALARALPPLLEILDGRREPDGSDAFGLALKELLHRISDVASPAQVDRWRTTVKEY
LFAQIWEAANREVDLIPTPDDYVLMRRITGATYTCFALIDVGGGYRLEAEEWHHPDVRTLSDLACDLIGWDNDLLSYAKE
RGNDKARHNLVTVLATHKSLTLQDALLEVAQMHNDAVAAFLDRRAALDRWATLPVRKYVRGLEHWVRGHIAFSLGSARYV
GAWPDDTRWPRAV
;
_entity_poly.pdbx_strand_id   A
#
loop_
_chem_comp.id
_chem_comp.type
_chem_comp.name
_chem_comp.formula
EDO non-polymer 1,2-ETHANEDIOL 'C2 H6 O2'
GOL non-polymer GLYCEROL 'C3 H8 O3'
MG non-polymer 'MAGNESIUM ION' 'Mg 2'
#
# COMPACT_ATOMS: atom_id res chain seq x y z
N PRO A 12 -16.28 -11.54 23.65
CA PRO A 12 -15.01 -11.39 22.93
C PRO A 12 -15.18 -11.35 21.40
N LEU A 13 -14.35 -10.55 20.74
CA LEU A 13 -14.43 -10.42 19.28
C LEU A 13 -13.75 -11.62 18.61
N HIS A 14 -14.19 -11.95 17.40
CA HIS A 14 -13.50 -12.98 16.59
C HIS A 14 -13.05 -12.34 15.27
N ILE A 15 -11.78 -12.49 14.93
CA ILE A 15 -11.22 -11.96 13.65
C ILE A 15 -11.59 -12.93 12.56
N PRO A 16 -12.34 -12.52 11.51
CA PRO A 16 -12.71 -13.45 10.44
C PRO A 16 -11.46 -13.91 9.68
N PRO A 17 -11.42 -15.16 9.16
CA PRO A 17 -10.34 -15.57 8.29
C PRO A 17 -10.44 -14.81 6.96
N LEU A 18 -9.32 -14.61 6.29
CA LEU A 18 -9.26 -13.97 4.96
C LEU A 18 -8.67 -14.99 4.00
N PRO A 19 -9.49 -15.96 3.56
CA PRO A 19 -9.02 -17.06 2.70
C PRO A 19 -8.49 -16.54 1.37
N CYS A 20 -7.43 -17.16 0.87
CA CYS A 20 -6.72 -16.73 -0.34
C CYS A 20 -5.99 -17.91 -0.99
N PRO A 21 -6.36 -18.33 -2.22
CA PRO A 21 -5.72 -19.49 -2.85
C PRO A 21 -4.35 -19.21 -3.48
N PHE A 22 -3.93 -17.94 -3.52
CA PHE A 22 -2.67 -17.50 -4.15
C PHE A 22 -1.49 -18.02 -3.35
N PRO A 23 -0.34 -18.29 -4.00
CA PRO A 23 0.85 -18.77 -3.30
C PRO A 23 1.43 -17.73 -2.34
N SER A 24 1.84 -18.18 -1.16
CA SER A 24 2.46 -17.31 -0.14
C SER A 24 3.96 -17.56 -0.15
N GLU A 25 4.74 -16.61 -0.64
CA GLU A 25 6.21 -16.79 -0.72
C GLU A 25 6.93 -15.60 -0.13
N ILE A 26 8.25 -15.71 -0.01
CA ILE A 26 9.10 -14.62 0.53
C ILE A 26 10.40 -14.63 -0.25
N ASN A 27 10.85 -13.45 -0.63
CA ASN A 27 12.13 -13.23 -1.35
C ASN A 27 13.26 -13.76 -0.48
N GLU A 28 14.24 -14.44 -1.06
CA GLU A 28 15.37 -15.04 -0.31
C GLU A 28 16.23 -13.93 0.32
N HIS A 29 16.20 -12.69 -0.19
CA HIS A 29 17.06 -11.57 0.30
C HIS A 29 16.36 -10.75 1.40
N ALA A 30 15.20 -11.21 1.91
CA ALA A 30 14.32 -10.47 2.85
C ALA A 30 15.13 -9.81 3.98
N ASP A 31 15.81 -10.61 4.82
CA ASP A 31 16.41 -10.11 6.08
C ASP A 31 17.57 -9.16 5.77
N ALA A 32 18.45 -9.49 4.83
CA ALA A 32 19.62 -8.64 4.47
C ALA A 32 19.12 -7.31 3.91
N VAL A 33 18.14 -7.32 3.01
CA VAL A 33 17.66 -6.08 2.34
C VAL A 33 16.87 -5.24 3.34
N ASP A 34 16.03 -5.86 4.18
CA ASP A 34 15.26 -5.16 5.25
C ASP A 34 16.23 -4.27 6.05
N GLU A 35 17.35 -4.84 6.49
CA GLU A 35 18.37 -4.15 7.31
C GLU A 35 18.98 -3.00 6.51
N GLU A 36 19.39 -3.26 5.26
CA GLU A 36 19.97 -2.23 4.36
C GLU A 36 18.99 -1.08 4.20
N SER A 37 17.73 -1.41 3.87
CA SER A 37 16.67 -0.40 3.63
C SER A 37 16.36 0.40 4.90
N HIS A 38 16.29 -0.27 6.05
CA HIS A 38 16.01 0.46 7.31
C HIS A 38 17.15 1.44 7.59
N THR A 39 18.39 1.02 7.36
CA THR A 39 19.57 1.90 7.58
C THR A 39 19.43 3.13 6.66
N TRP A 40 19.04 2.90 5.42
CA TRP A 40 18.80 3.97 4.42
C TRP A 40 17.76 4.96 4.99
N LEU A 41 16.66 4.45 5.54
CA LEU A 41 15.58 5.31 6.11
C LEU A 41 16.13 6.06 7.33
N ALA A 42 16.85 5.39 8.23
CA ALA A 42 17.37 6.00 9.47
C ALA A 42 18.31 7.16 9.10
N ALA A 43 19.04 7.09 7.98
CA ALA A 43 20.01 8.12 7.56
C ALA A 43 19.33 9.22 6.72
N SER A 44 18.06 9.06 6.35
CA SER A 44 17.33 9.97 5.42
C SER A 44 16.92 11.27 6.11
N HIS A 45 16.78 11.23 7.45
CA HIS A 45 16.19 12.30 8.30
C HIS A 45 14.68 12.46 8.02
N MET A 46 14.05 11.49 7.36
CA MET A 46 12.57 11.56 7.11
C MET A 46 11.82 11.32 8.42
N LEU A 47 12.41 10.59 9.37
CA LEU A 47 11.78 10.33 10.70
C LEU A 47 12.40 11.26 11.74
N LYS A 48 11.56 11.82 12.60
CA LYS A 48 11.99 12.66 13.75
C LYS A 48 11.85 11.82 15.03
N GLY A 49 12.95 11.54 15.72
CA GLY A 49 12.93 10.86 17.04
C GLY A 49 13.38 9.41 16.95
N ALA A 50 14.35 9.06 17.78
CA ALA A 50 14.88 7.68 17.96
C ALA A 50 13.73 6.71 18.20
N ASP A 51 12.65 7.18 18.85
CA ASP A 51 11.47 6.36 19.21
C ASP A 51 10.82 5.84 17.92
N THR A 52 10.55 6.74 16.96
CA THR A 52 9.91 6.39 15.67
C THR A 52 10.86 5.49 14.86
N VAL A 53 12.14 5.84 14.83
CA VAL A 53 13.18 5.06 14.08
C VAL A 53 13.16 3.61 14.57
N GLU A 54 13.13 3.39 15.89
CA GLU A 54 13.13 2.04 16.50
C GLU A 54 11.80 1.34 16.18
N HIS A 55 10.67 2.05 16.21
CA HIS A 55 9.35 1.46 15.85
C HIS A 55 9.43 0.90 14.44
N PHE A 56 9.99 1.68 13.51
CA PHE A 56 10.14 1.27 12.08
C PHE A 56 11.02 0.02 12.00
N ARG A 57 12.13 -0.03 12.74
CA ARG A 57 13.09 -1.18 12.70
C ARG A 57 12.33 -2.45 13.09
N ARG A 58 11.53 -2.39 14.15
CA ARG A 58 10.80 -3.55 14.71
C ARG A 58 9.68 -3.95 13.74
N SER A 59 9.22 -3.04 12.90
CA SER A 59 8.09 -3.27 11.97
C SER A 59 8.51 -4.17 10.80
N LYS A 60 9.80 -4.30 10.51
CA LYS A 60 10.32 -5.21 9.44
C LYS A 60 9.58 -4.90 8.14
N ILE A 61 9.61 -3.64 7.69
CA ILE A 61 8.95 -3.21 6.43
C ILE A 61 9.53 -4.04 5.27
N GLY A 62 10.80 -4.44 5.35
CA GLY A 62 11.46 -5.31 4.36
C GLY A 62 10.79 -6.68 4.26
N THR A 63 10.17 -7.16 5.33
CA THR A 63 9.40 -8.43 5.30
C THR A 63 8.20 -8.23 4.37
N LEU A 64 7.51 -7.09 4.47
CA LEU A 64 6.36 -6.79 3.59
C LEU A 64 6.85 -6.73 2.14
N ALA A 65 7.96 -6.04 1.90
CA ALA A 65 8.56 -5.90 0.55
C ALA A 65 8.89 -7.29 -0.01
N ALA A 66 9.50 -8.16 0.80
CA ALA A 66 9.99 -9.49 0.37
C ALA A 66 8.80 -10.44 0.12
N ARG A 67 7.74 -10.38 0.94
CA ARG A 67 6.55 -11.25 0.77
C ARG A 67 5.72 -10.78 -0.43
N THR A 68 5.72 -9.48 -0.76
CA THR A 68 4.89 -8.92 -1.86
C THR A 68 5.66 -8.94 -3.19
N ASN A 69 6.98 -9.10 -3.15
CA ASN A 69 7.85 -9.16 -4.36
C ASN A 69 8.82 -10.33 -4.19
N PRO A 70 8.33 -11.57 -4.15
CA PRO A 70 9.19 -12.72 -3.79
C PRO A 70 10.13 -13.21 -4.91
N THR A 71 9.96 -12.77 -6.15
CA THR A 71 10.73 -13.30 -7.32
C THR A 71 11.83 -12.33 -7.77
N VAL A 72 11.84 -11.09 -7.30
CA VAL A 72 12.72 -10.05 -7.92
C VAL A 72 14.14 -10.23 -7.42
N PRO A 73 15.15 -9.80 -8.22
CA PRO A 73 16.55 -9.81 -7.80
C PRO A 73 16.81 -8.85 -6.64
N ARG A 74 17.93 -9.07 -5.92
CA ARG A 74 18.29 -8.27 -4.72
C ARG A 74 18.22 -6.76 -4.97
N ASP A 75 18.82 -6.27 -6.06
CA ASP A 75 18.82 -4.81 -6.34
C ASP A 75 17.39 -4.28 -6.49
N SER A 76 16.52 -5.05 -7.13
CA SER A 76 15.10 -4.65 -7.31
C SER A 76 14.40 -4.61 -5.95
N LEU A 77 14.62 -5.64 -5.12
CA LEU A 77 13.99 -5.69 -3.77
C LEU A 77 14.44 -4.50 -2.93
N ARG A 78 15.72 -4.13 -3.01
CA ARG A 78 16.25 -2.99 -2.24
C ARG A 78 15.56 -1.69 -2.68
N LEU A 79 15.41 -1.50 -3.99
CA LEU A 79 14.75 -0.28 -4.53
C LEU A 79 13.30 -0.22 -4.04
N ILE A 80 12.59 -1.34 -4.13
CA ILE A 80 11.16 -1.43 -3.73
C ILE A 80 11.04 -1.23 -2.21
N ASN A 81 11.96 -1.82 -1.43
CA ASN A 81 11.98 -1.69 0.05
C ASN A 81 12.18 -0.21 0.43
N ASP A 82 13.12 0.49 -0.23
CA ASP A 82 13.38 1.93 0.03
C ASP A 82 12.08 2.69 -0.27
N TRP A 83 11.39 2.35 -1.36
CA TRP A 83 10.12 3.02 -1.74
C TRP A 83 9.05 2.76 -0.66
N TYR A 84 8.90 1.53 -0.17
CA TYR A 84 7.92 1.25 0.92
C TYR A 84 8.27 2.12 2.14
N ASN A 85 9.56 2.20 2.49
CA ASN A 85 10.01 2.98 3.68
C ASN A 85 9.67 4.46 3.47
N TRP A 86 9.85 5.00 2.27
CA TRP A 86 9.48 6.40 1.94
C TRP A 86 7.98 6.60 2.20
N LEU A 87 7.14 5.68 1.71
CA LEU A 87 5.67 5.76 1.84
C LEU A 87 5.27 5.71 3.32
N PHE A 88 5.80 4.75 4.08
CA PHE A 88 5.43 4.60 5.52
C PHE A 88 5.85 5.88 6.26
N ALA A 89 7.05 6.40 5.97
CA ALA A 89 7.57 7.63 6.63
C ALA A 89 6.69 8.82 6.26
N PHE A 90 6.35 8.97 4.99
CA PHE A 90 5.55 10.12 4.47
C PHE A 90 4.18 10.10 5.16
N ASP A 91 3.56 8.92 5.24
CA ASP A 91 2.23 8.72 5.88
C ASP A 91 2.32 9.18 7.35
N ASP A 92 3.39 8.81 8.04
CA ASP A 92 3.58 9.07 9.49
C ASP A 92 3.88 10.56 9.72
N ALA A 93 4.56 11.21 8.78
CA ALA A 93 5.07 12.60 8.92
C ALA A 93 5.13 13.28 7.54
N GLY A 97 2.86 16.96 11.35
CA GLY A 97 3.95 17.88 11.74
C GLY A 97 3.43 19.28 11.96
N GLU A 98 2.90 19.90 10.90
CA GLU A 98 2.18 21.21 10.93
C GLU A 98 0.67 20.96 11.07
N LEU A 99 0.28 19.73 11.41
CA LEU A 99 -1.14 19.28 11.54
C LEU A 99 -1.89 19.53 10.24
N MET A 100 -1.24 19.32 9.10
CA MET A 100 -1.85 19.57 7.78
C MET A 100 -2.85 18.47 7.45
N GLY A 101 -2.83 17.35 8.19
CA GLY A 101 -3.83 16.27 8.10
C GLY A 101 -5.23 16.75 8.46
N HIS A 102 -5.36 17.89 9.15
CA HIS A 102 -6.67 18.46 9.56
C HIS A 102 -6.97 19.74 8.79
N ARG A 103 -6.10 20.13 7.85
CA ARG A 103 -6.22 21.41 7.08
C ARG A 103 -6.11 21.11 5.58
N ALA A 104 -7.23 20.93 4.88
CA ALA A 104 -7.27 20.58 3.44
C ALA A 104 -6.55 21.66 2.61
N SER A 105 -6.79 22.94 2.89
CA SER A 105 -6.18 24.07 2.13
C SER A 105 -4.66 24.02 2.25
N ALA A 106 -4.16 23.92 3.47
CA ALA A 106 -2.70 23.90 3.75
C ALA A 106 -2.03 22.71 3.06
N LEU A 107 -2.63 21.53 3.13
CA LEU A 107 -2.05 20.33 2.49
C LEU A 107 -2.02 20.53 0.97
N ALA A 108 -3.12 20.99 0.40
CA ALA A 108 -3.16 21.21 -1.05
C ALA A 108 -2.05 22.18 -1.48
N ARG A 109 -1.86 23.26 -0.71
CA ARG A 109 -0.86 24.28 -1.07
C ARG A 109 0.57 23.78 -0.85
N ALA A 110 0.73 22.67 -0.12
CA ALA A 110 2.08 22.14 0.15
C ALA A 110 2.52 21.15 -0.94
N LEU A 111 1.63 20.80 -1.87
CA LEU A 111 1.95 19.76 -2.88
C LEU A 111 2.82 20.26 -4.05
N PRO A 112 2.59 21.45 -4.64
CA PRO A 112 3.36 21.92 -5.80
C PRO A 112 4.89 21.73 -5.73
N PRO A 113 5.57 22.13 -4.63
CA PRO A 113 7.01 21.91 -4.52
C PRO A 113 7.40 20.43 -4.66
N LEU A 114 6.58 19.51 -4.14
CA LEU A 114 6.86 18.06 -4.25
C LEU A 114 6.63 17.58 -5.69
N LEU A 115 5.58 18.07 -6.35
CA LEU A 115 5.27 17.76 -7.78
C LEU A 115 6.43 18.25 -8.67
N GLU A 116 7.01 19.42 -8.37
CA GLU A 116 8.18 19.98 -9.12
C GLU A 116 9.31 18.93 -9.11
N ILE A 117 9.55 18.31 -7.96
CA ILE A 117 10.67 17.34 -7.78
C ILE A 117 10.34 16.07 -8.55
N LEU A 118 9.12 15.56 -8.40
CA LEU A 118 8.62 14.35 -9.09
C LEU A 118 8.72 14.55 -10.61
N ASP A 119 8.49 15.77 -11.11
CA ASP A 119 8.57 16.10 -12.56
C ASP A 119 10.02 16.41 -12.98
N GLY A 120 10.99 16.36 -12.07
CA GLY A 120 12.41 16.65 -12.37
C GLY A 120 12.62 18.10 -12.76
N ARG A 121 11.82 19.03 -12.22
CA ARG A 121 11.84 20.47 -12.60
C ARG A 121 12.62 21.32 -11.60
N ARG A 122 12.89 20.80 -10.39
CA ARG A 122 13.58 21.56 -9.32
C ARG A 122 14.45 20.58 -8.51
N GLU A 123 15.68 20.99 -8.22
CA GLU A 123 16.57 20.30 -7.25
C GLU A 123 15.96 20.48 -5.86
N PRO A 124 15.77 19.41 -5.06
CA PRO A 124 15.32 19.59 -3.68
C PRO A 124 16.34 20.40 -2.86
N ASP A 125 15.82 21.23 -1.95
CA ASP A 125 16.58 21.94 -0.89
C ASP A 125 17.25 20.91 0.05
N GLY A 126 18.42 21.21 0.59
CA GLY A 126 19.13 20.31 1.54
C GLY A 126 18.33 20.05 2.82
N SER A 127 17.38 20.93 3.14
CA SER A 127 16.52 20.87 4.36
C SER A 127 15.32 19.92 4.13
N ASP A 128 15.12 19.45 2.90
CA ASP A 128 13.86 18.77 2.49
C ASP A 128 14.12 17.26 2.41
N ALA A 129 14.00 16.56 3.54
CA ALA A 129 14.33 15.12 3.64
C ALA A 129 13.47 14.32 2.66
N PHE A 130 12.15 14.56 2.62
CA PHE A 130 11.22 13.81 1.74
C PHE A 130 11.54 14.07 0.28
N GLY A 131 11.81 15.32 -0.08
CA GLY A 131 12.14 15.72 -1.47
C GLY A 131 13.45 15.11 -1.93
N LEU A 132 14.49 15.15 -1.10
CA LEU A 132 15.81 14.56 -1.44
C LEU A 132 15.64 13.06 -1.75
N ALA A 133 14.95 12.33 -0.87
CA ALA A 133 14.77 10.87 -1.01
C ALA A 133 13.88 10.57 -2.23
N LEU A 134 12.86 11.41 -2.50
CA LEU A 134 11.97 11.18 -3.68
C LEU A 134 12.79 11.35 -4.97
N LYS A 135 13.64 12.38 -5.04
CA LYS A 135 14.51 12.59 -6.23
C LYS A 135 15.41 11.35 -6.39
N GLU A 136 16.03 10.89 -5.30
CA GLU A 136 16.96 9.72 -5.35
C GLU A 136 16.20 8.52 -5.94
N LEU A 137 14.99 8.26 -5.45
CA LEU A 137 14.20 7.07 -5.88
C LEU A 137 13.76 7.23 -7.34
N LEU A 138 13.37 8.44 -7.75
CA LEU A 138 12.97 8.70 -9.16
C LEU A 138 14.14 8.33 -10.08
N HIS A 139 15.36 8.76 -9.74
CA HIS A 139 16.56 8.49 -10.57
C HIS A 139 16.88 7.00 -10.56
N ARG A 140 16.78 6.32 -9.42
CA ARG A 140 17.07 4.86 -9.33
C ARG A 140 16.04 4.08 -10.16
N ILE A 141 14.76 4.48 -10.13
CA ILE A 141 13.70 3.84 -10.95
C ILE A 141 14.00 4.11 -12.43
N SER A 142 14.35 5.34 -12.79
CA SER A 142 14.66 5.74 -14.18
C SER A 142 15.83 4.93 -14.74
N ASP A 143 16.79 4.51 -13.90
CA ASP A 143 17.96 3.70 -14.34
C ASP A 143 17.51 2.32 -14.84
N VAL A 144 16.36 1.80 -14.41
CA VAL A 144 15.94 0.40 -14.72
C VAL A 144 14.54 0.36 -15.36
N ALA A 145 14.02 1.49 -15.81
CA ALA A 145 12.65 1.61 -16.37
C ALA A 145 12.65 2.53 -17.59
N SER A 146 11.82 2.23 -18.59
CA SER A 146 11.61 3.09 -19.78
C SER A 146 10.87 4.37 -19.37
N PRO A 147 10.94 5.44 -20.18
CA PRO A 147 10.17 6.65 -19.92
C PRO A 147 8.67 6.37 -19.71
N ALA A 148 8.08 5.47 -20.49
CA ALA A 148 6.65 5.10 -20.33
C ALA A 148 6.43 4.47 -18.96
N GLN A 149 7.35 3.60 -18.50
CA GLN A 149 7.24 2.93 -17.17
C GLN A 149 7.41 3.97 -16.05
N VAL A 150 8.38 4.88 -16.18
CA VAL A 150 8.62 5.95 -15.17
C VAL A 150 7.35 6.79 -15.03
N ASP A 151 6.71 7.16 -16.15
CA ASP A 151 5.54 8.08 -16.09
CA ASP A 151 5.54 8.08 -16.14
C ASP A 151 4.33 7.34 -15.51
N ARG A 152 4.20 6.04 -15.77
CA ARG A 152 3.11 5.21 -15.20
C ARG A 152 3.23 5.24 -13.66
N TRP A 153 4.44 5.09 -13.11
CA TRP A 153 4.70 5.19 -11.66
C TRP A 153 4.44 6.62 -11.17
N ARG A 154 5.01 7.62 -11.86
CA ARG A 154 4.86 9.05 -11.48
C ARG A 154 3.37 9.40 -11.38
N THR A 155 2.53 8.95 -12.32
CA THR A 155 1.06 9.23 -12.31
C THR A 155 0.44 8.65 -11.03
N THR A 156 0.81 7.42 -10.64
CA THR A 156 0.23 6.78 -9.43
C THR A 156 0.64 7.57 -8.17
N VAL A 157 1.85 8.12 -8.15
CA VAL A 157 2.34 8.92 -6.98
C VAL A 157 1.56 10.24 -6.91
N LYS A 158 1.35 10.92 -8.04
CA LYS A 158 0.59 12.19 -8.06
C LYS A 158 -0.83 11.95 -7.53
N GLU A 159 -1.48 10.87 -7.98
CA GLU A 159 -2.85 10.53 -7.54
C GLU A 159 -2.87 10.25 -6.03
N TYR A 160 -1.89 9.51 -5.53
CA TYR A 160 -1.74 9.24 -4.07
C TYR A 160 -1.62 10.57 -3.31
N LEU A 161 -0.77 11.49 -3.77
CA LEU A 161 -0.57 12.79 -3.09
C LEU A 161 -1.87 13.57 -3.08
N PHE A 162 -2.55 13.71 -4.22
CA PHE A 162 -3.83 14.45 -4.30
C PHE A 162 -4.86 13.80 -3.37
N ALA A 163 -4.88 12.47 -3.29
CA ALA A 163 -5.85 11.72 -2.46
C ALA A 163 -5.68 12.08 -0.97
N GLN A 164 -4.49 12.50 -0.54
CA GLN A 164 -4.25 12.87 0.88
C GLN A 164 -5.09 14.10 1.25
N ILE A 165 -5.36 14.99 0.29
CA ILE A 165 -6.20 16.21 0.51
C ILE A 165 -7.62 15.76 0.88
N TRP A 166 -8.12 14.71 0.24
CA TRP A 166 -9.48 14.18 0.51
C TRP A 166 -9.55 13.71 1.97
N GLU A 167 -8.55 13.00 2.48
CA GLU A 167 -8.53 12.55 3.90
C GLU A 167 -8.57 13.78 4.81
N ALA A 168 -7.73 14.79 4.51
CA ALA A 168 -7.68 16.03 5.31
C ALA A 168 -9.04 16.72 5.29
N ALA A 169 -9.74 16.68 4.15
CA ALA A 169 -11.09 17.30 4.00
C ALA A 169 -12.08 16.67 4.98
N ASN A 170 -12.03 15.35 5.14
CA ASN A 170 -12.94 14.60 6.04
C ASN A 170 -12.63 14.96 7.49
N ARG A 171 -11.34 15.02 7.86
CA ARG A 171 -10.91 15.34 9.25
C ARG A 171 -11.35 16.77 9.58
N GLU A 172 -11.15 17.70 8.64
CA GLU A 172 -11.44 19.14 8.81
C GLU A 172 -12.87 19.34 9.31
N VAL A 173 -13.84 18.65 8.70
CA VAL A 173 -15.28 18.82 9.05
C VAL A 173 -15.73 17.71 10.00
N ASP A 174 -14.82 16.86 10.49
CA ASP A 174 -15.11 15.71 11.41
C ASP A 174 -16.25 14.84 10.86
N LEU A 175 -16.12 14.31 9.63
CA LEU A 175 -17.08 13.36 9.00
C LEU A 175 -16.43 11.98 8.89
N ILE A 176 -17.22 10.92 8.98
CA ILE A 176 -16.79 9.56 8.56
C ILE A 176 -17.29 9.37 7.13
N PRO A 177 -16.39 9.11 6.15
CA PRO A 177 -16.84 9.02 4.76
C PRO A 177 -17.84 7.88 4.52
N THR A 178 -18.66 8.03 3.49
CA THR A 178 -19.70 7.05 3.07
C THR A 178 -19.03 5.84 2.42
N PRO A 179 -19.66 4.64 2.48
CA PRO A 179 -19.09 3.44 1.85
C PRO A 179 -18.62 3.62 0.40
N ASP A 180 -19.46 4.17 -0.48
CA ASP A 180 -19.13 4.31 -1.92
C ASP A 180 -17.91 5.22 -2.09
N ASP A 181 -17.87 6.37 -1.42
CA ASP A 181 -16.76 7.35 -1.55
C ASP A 181 -15.47 6.70 -1.02
N TYR A 182 -15.58 5.99 0.11
CA TYR A 182 -14.41 5.41 0.80
C TYR A 182 -13.80 4.29 -0.05
N VAL A 183 -14.62 3.39 -0.59
CA VAL A 183 -14.11 2.23 -1.36
C VAL A 183 -13.35 2.74 -2.59
N LEU A 184 -13.88 3.75 -3.27
CA LEU A 184 -13.17 4.32 -4.45
C LEU A 184 -11.87 4.98 -3.99
N MET A 185 -11.92 5.84 -2.97
CA MET A 185 -10.74 6.68 -2.62
C MET A 185 -9.67 5.82 -1.92
N ARG A 186 -10.06 4.76 -1.22
CA ARG A 186 -9.13 3.86 -0.48
C ARG A 186 -8.16 3.21 -1.46
N ARG A 187 -8.54 3.00 -2.73
CA ARG A 187 -7.64 2.45 -3.77
C ARG A 187 -6.44 3.38 -3.97
N ILE A 188 -6.62 4.70 -3.80
CA ILE A 188 -5.54 5.68 -4.11
C ILE A 188 -4.93 6.25 -2.83
N THR A 189 -5.64 6.29 -1.69
CA THR A 189 -5.06 6.86 -0.44
C THR A 189 -3.96 5.95 0.11
N GLY A 190 -3.96 4.65 -0.21
CA GLY A 190 -3.04 3.65 0.37
C GLY A 190 -1.75 3.44 -0.42
N ALA A 191 -1.62 4.06 -1.61
CA ALA A 191 -0.42 4.03 -2.49
C ALA A 191 -0.15 2.64 -3.09
N THR A 192 -1.07 1.67 -2.99
CA THR A 192 -0.84 0.30 -3.52
C THR A 192 -0.53 0.37 -5.03
N TYR A 193 -1.19 1.24 -5.79
CA TYR A 193 -0.95 1.34 -7.25
C TYR A 193 0.50 1.73 -7.55
N THR A 194 1.14 2.52 -6.67
CA THR A 194 2.56 2.93 -6.83
C THR A 194 3.47 1.71 -6.68
N CYS A 195 3.03 0.68 -5.96
CA CYS A 195 3.80 -0.57 -5.78
C CYS A 195 3.54 -1.52 -6.96
N PHE A 196 2.30 -1.62 -7.43
CA PHE A 196 1.94 -2.43 -8.61
C PHE A 196 2.71 -1.93 -9.84
N ALA A 197 2.94 -0.62 -9.91
CA ALA A 197 3.66 0.02 -11.04
C ALA A 197 5.13 -0.41 -11.08
N LEU A 198 5.63 -1.08 -10.05
CA LEU A 198 7.06 -1.50 -10.00
C LEU A 198 7.20 -3.02 -10.14
N ILE A 199 6.10 -3.73 -10.39
CA ILE A 199 6.16 -5.22 -10.54
C ILE A 199 6.95 -5.57 -11.80
N ASP A 200 6.58 -5.00 -12.95
CA ASP A 200 7.31 -5.32 -14.20
C ASP A 200 8.74 -4.77 -14.11
N VAL A 201 8.89 -3.55 -13.62
CA VAL A 201 10.23 -2.91 -13.47
C VAL A 201 11.13 -3.81 -12.63
N GLY A 202 10.65 -4.23 -11.46
CA GLY A 202 11.44 -5.04 -10.52
C GLY A 202 11.79 -6.40 -11.12
N GLY A 203 10.90 -6.95 -11.94
CA GLY A 203 11.08 -8.26 -12.60
C GLY A 203 11.95 -8.19 -13.84
N GLY A 204 12.34 -6.99 -14.28
CA GLY A 204 13.19 -6.81 -15.48
C GLY A 204 12.43 -6.96 -16.79
N TYR A 205 11.11 -6.74 -16.79
CA TYR A 205 10.30 -6.79 -18.03
C TYR A 205 9.42 -5.53 -18.10
N ARG A 206 8.60 -5.43 -19.14
CA ARG A 206 7.81 -4.21 -19.44
C ARG A 206 6.50 -4.63 -20.10
N LEU A 207 5.36 -4.40 -19.45
CA LEU A 207 4.05 -4.54 -20.12
C LEU A 207 3.92 -3.42 -21.16
N GLU A 208 3.47 -3.78 -22.36
CA GLU A 208 3.05 -2.84 -23.44
C GLU A 208 1.87 -2.01 -22.94
N ALA A 209 1.68 -0.81 -23.48
CA ALA A 209 0.55 0.08 -23.11
C ALA A 209 -0.77 -0.69 -23.22
N GLU A 210 -1.00 -1.43 -24.31
CA GLU A 210 -2.33 -2.07 -24.53
C GLU A 210 -2.43 -3.34 -23.67
N GLU A 211 -1.33 -3.91 -23.19
CA GLU A 211 -1.36 -5.02 -22.18
C GLU A 211 -1.75 -4.42 -20.82
N TRP A 212 -1.04 -3.39 -20.39
CA TRP A 212 -1.25 -2.71 -19.08
C TRP A 212 -2.70 -2.22 -18.97
N HIS A 213 -3.23 -1.59 -20.01
CA HIS A 213 -4.55 -0.90 -20.00
C HIS A 213 -5.67 -1.82 -20.50
N HIS A 214 -5.39 -3.09 -20.80
CA HIS A 214 -6.43 -4.08 -21.20
C HIS A 214 -7.46 -4.16 -20.07
N PRO A 215 -8.78 -4.07 -20.36
CA PRO A 215 -9.80 -4.13 -19.31
C PRO A 215 -9.61 -5.29 -18.31
N ASP A 216 -9.16 -6.45 -18.77
CA ASP A 216 -8.96 -7.62 -17.86
C ASP A 216 -7.81 -7.34 -16.87
N VAL A 217 -6.74 -6.69 -17.33
CA VAL A 217 -5.56 -6.41 -16.46
C VAL A 217 -5.94 -5.33 -15.43
N ARG A 218 -6.64 -4.30 -15.89
CA ARG A 218 -7.13 -3.20 -15.01
C ARG A 218 -8.11 -3.79 -13.98
N THR A 219 -9.01 -4.68 -14.40
CA THR A 219 -10.01 -5.28 -13.49
C THR A 219 -9.30 -6.08 -12.40
N LEU A 220 -8.34 -6.94 -12.78
CA LEU A 220 -7.56 -7.75 -11.79
C LEU A 220 -6.76 -6.82 -10.89
N SER A 221 -6.15 -5.76 -11.44
CA SER A 221 -5.33 -4.80 -10.66
C SER A 221 -6.22 -4.12 -9.62
N ASP A 222 -7.43 -3.71 -10.02
CA ASP A 222 -8.39 -2.98 -9.14
C ASP A 222 -8.89 -3.92 -8.03
N LEU A 223 -9.20 -5.19 -8.36
CA LEU A 223 -9.64 -6.19 -7.37
C LEU A 223 -8.49 -6.45 -6.38
N ALA A 224 -7.25 -6.59 -6.84
CA ALA A 224 -6.09 -6.84 -5.95
C ALA A 224 -5.92 -5.63 -5.02
N CYS A 225 -6.08 -4.42 -5.55
CA CYS A 225 -5.92 -3.17 -4.77
C CYS A 225 -7.03 -3.09 -3.71
N ASP A 226 -8.26 -3.48 -4.06
CA ASP A 226 -9.39 -3.54 -3.09
C ASP A 226 -9.03 -4.53 -1.98
N LEU A 227 -8.62 -5.73 -2.36
CA LEU A 227 -8.30 -6.81 -1.38
C LEU A 227 -7.25 -6.27 -0.42
N ILE A 228 -6.15 -5.71 -0.92
CA ILE A 228 -5.05 -5.23 -0.02
C ILE A 228 -5.59 -4.16 0.93
N GLY A 229 -6.37 -3.19 0.44
CA GLY A 229 -6.89 -2.10 1.28
C GLY A 229 -7.84 -2.61 2.36
N TRP A 230 -8.74 -3.50 1.98
CA TRP A 230 -9.79 -4.00 2.91
C TRP A 230 -9.14 -4.91 3.95
N ASP A 231 -8.21 -5.77 3.53
CA ASP A 231 -7.49 -6.72 4.41
C ASP A 231 -6.66 -5.91 5.43
N ASN A 232 -6.00 -4.84 4.96
CA ASN A 232 -5.18 -3.97 5.84
C ASN A 232 -6.10 -3.26 6.84
N ASP A 233 -7.22 -2.70 6.37
CA ASP A 233 -8.22 -2.01 7.23
C ASP A 233 -8.70 -2.96 8.33
N LEU A 234 -9.05 -4.20 7.98
CA LEU A 234 -9.57 -5.18 8.97
C LEU A 234 -8.49 -5.47 10.02
N LEU A 235 -7.29 -5.91 9.61
CA LEU A 235 -6.24 -6.41 10.53
C LEU A 235 -5.60 -5.26 11.33
N SER A 236 -5.53 -4.05 10.78
CA SER A 236 -4.95 -2.86 11.46
C SER A 236 -6.00 -2.16 12.35
N TYR A 237 -7.26 -2.60 12.31
CA TYR A 237 -8.40 -1.83 12.89
C TYR A 237 -8.10 -1.46 14.35
N ALA A 238 -7.62 -2.41 15.16
CA ALA A 238 -7.42 -2.22 16.62
C ALA A 238 -6.35 -1.15 16.83
N LYS A 239 -5.25 -1.25 16.08
CA LYS A 239 -4.16 -0.26 16.09
C LYS A 239 -4.70 1.10 15.63
N GLU A 240 -5.50 1.13 14.56
CA GLU A 240 -5.93 2.41 13.92
C GLU A 240 -6.93 3.16 14.81
N ARG A 241 -7.56 2.50 15.79
CA ARG A 241 -8.48 3.17 16.75
C ARG A 241 -7.73 4.28 17.53
N GLY A 242 -6.41 4.17 17.72
CA GLY A 242 -5.58 5.17 18.39
C GLY A 242 -5.16 6.32 17.48
N ASN A 243 -5.53 6.26 16.21
CA ASN A 243 -5.15 7.26 15.17
C ASN A 243 -6.43 7.87 14.59
N ASP A 244 -6.86 9.03 15.09
CA ASP A 244 -8.05 9.76 14.57
C ASP A 244 -9.28 8.84 14.59
N LYS A 245 -9.41 8.00 15.62
CA LYS A 245 -10.60 7.14 15.88
C LYS A 245 -10.87 6.21 14.68
N ALA A 246 -9.84 5.81 13.95
CA ALA A 246 -9.93 4.92 12.77
C ALA A 246 -11.00 5.45 11.80
N ARG A 247 -11.05 6.77 11.60
CA ARG A 247 -12.00 7.46 10.69
C ARG A 247 -11.90 6.87 9.28
N HIS A 248 -10.68 6.75 8.76
CA HIS A 248 -10.39 6.23 7.41
C HIS A 248 -10.11 4.72 7.52
N ASN A 249 -11.17 3.94 7.67
CA ASN A 249 -11.11 2.47 7.85
C ASN A 249 -12.47 1.89 7.49
N LEU A 250 -12.49 0.90 6.59
CA LEU A 250 -13.75 0.30 6.08
C LEU A 250 -14.60 -0.23 7.24
N VAL A 251 -13.99 -0.73 8.32
CA VAL A 251 -14.73 -1.25 9.52
C VAL A 251 -15.55 -0.10 10.11
N THR A 252 -14.91 1.05 10.38
CA THR A 252 -15.59 2.27 10.91
C THR A 252 -16.68 2.72 9.94
N VAL A 253 -16.36 2.76 8.65
CA VAL A 253 -17.25 3.30 7.58
C VAL A 253 -18.54 2.45 7.54
N LEU A 254 -18.42 1.13 7.51
CA LEU A 254 -19.61 0.23 7.41
C LEU A 254 -20.40 0.26 8.73
N ALA A 255 -19.72 0.17 9.88
CA ALA A 255 -20.38 0.20 11.20
C ALA A 255 -21.21 1.49 11.33
N THR A 256 -20.63 2.62 10.90
CA THR A 256 -21.27 3.96 11.00
C THR A 256 -22.46 4.05 10.05
N HIS A 257 -22.28 3.80 8.75
CA HIS A 257 -23.28 4.12 7.71
C HIS A 257 -24.33 3.00 7.58
N LYS A 258 -24.03 1.78 8.02
CA LYS A 258 -24.99 0.64 7.94
C LYS A 258 -25.47 0.23 9.33
N SER A 259 -25.13 1.02 10.36
CA SER A 259 -25.55 0.81 11.76
C SER A 259 -25.27 -0.65 12.16
N LEU A 260 -24.02 -1.09 12.05
CA LEU A 260 -23.63 -2.48 12.40
C LEU A 260 -22.89 -2.44 13.73
N THR A 261 -22.85 -3.56 14.44
CA THR A 261 -21.91 -3.79 15.57
C THR A 261 -20.50 -3.93 15.00
N LEU A 262 -19.48 -3.72 15.82
CA LEU A 262 -18.08 -3.94 15.40
C LEU A 262 -17.96 -5.35 14.79
N GLN A 263 -18.49 -6.39 15.46
CA GLN A 263 -18.37 -7.79 14.98
C GLN A 263 -19.01 -7.90 13.59
N ASP A 264 -20.22 -7.38 13.38
CA ASP A 264 -20.92 -7.52 12.08
C ASP A 264 -20.17 -6.71 11.01
N ALA A 265 -19.56 -5.58 11.36
CA ALA A 265 -18.75 -4.79 10.42
C ALA A 265 -17.54 -5.63 9.98
N LEU A 266 -16.85 -6.29 10.92
CA LEU A 266 -15.67 -7.15 10.60
C LEU A 266 -16.11 -8.25 9.63
N LEU A 267 -17.27 -8.87 9.87
CA LEU A 267 -17.78 -9.97 9.04
C LEU A 267 -18.13 -9.46 7.64
N GLU A 268 -18.67 -8.25 7.52
CA GLU A 268 -19.06 -7.69 6.19
C GLU A 268 -17.80 -7.39 5.38
N VAL A 269 -16.73 -6.93 6.03
CA VAL A 269 -15.42 -6.71 5.34
C VAL A 269 -14.92 -8.06 4.82
N ALA A 270 -15.00 -9.12 5.62
CA ALA A 270 -14.54 -10.48 5.21
C ALA A 270 -15.40 -10.97 4.03
N GLN A 271 -16.70 -10.68 4.02
CA GLN A 271 -17.61 -11.08 2.90
C GLN A 271 -17.21 -10.32 1.63
N MET A 272 -16.91 -9.03 1.74
CA MET A 272 -16.42 -8.22 0.60
C MET A 272 -15.11 -8.85 0.09
N HIS A 273 -14.20 -9.23 0.99
CA HIS A 273 -12.92 -9.91 0.65
C HIS A 273 -13.23 -11.19 -0.17
N ASN A 274 -14.12 -12.04 0.33
CA ASN A 274 -14.43 -13.35 -0.31
C ASN A 274 -15.04 -13.10 -1.69
N ASP A 275 -15.94 -12.12 -1.82
CA ASP A 275 -16.58 -11.78 -3.12
C ASP A 275 -15.49 -11.31 -4.10
N ALA A 276 -14.53 -10.50 -3.64
CA ALA A 276 -13.43 -9.97 -4.48
C ALA A 276 -12.54 -11.13 -4.95
N VAL A 277 -12.23 -12.09 -4.09
CA VAL A 277 -11.37 -13.26 -4.46
C VAL A 277 -12.11 -14.03 -5.57
N ALA A 278 -13.41 -14.28 -5.41
CA ALA A 278 -14.20 -15.03 -6.42
C ALA A 278 -14.14 -14.28 -7.76
N ALA A 279 -14.32 -12.97 -7.74
CA ALA A 279 -14.31 -12.12 -8.96
C ALA A 279 -12.92 -12.17 -9.61
N PHE A 280 -11.86 -12.20 -8.80
CA PHE A 280 -10.46 -12.28 -9.32
C PHE A 280 -10.27 -13.60 -10.06
N LEU A 281 -10.66 -14.71 -9.44
CA LEU A 281 -10.52 -16.07 -10.06
C LEU A 281 -11.32 -16.09 -11.37
N ASP A 282 -12.54 -15.55 -11.36
CA ASP A 282 -13.43 -15.54 -12.55
C ASP A 282 -12.74 -14.79 -13.69
N ARG A 283 -12.24 -13.58 -13.43
CA ARG A 283 -11.68 -12.71 -14.50
C ARG A 283 -10.34 -13.29 -14.96
N ARG A 284 -9.56 -13.92 -14.07
CA ARG A 284 -8.23 -14.49 -14.41
C ARG A 284 -8.39 -15.62 -15.43
N ALA A 285 -9.49 -16.38 -15.38
CA ALA A 285 -9.78 -17.50 -16.32
C ALA A 285 -9.87 -16.95 -17.75
N ALA A 286 -10.57 -15.81 -17.92
CA ALA A 286 -10.71 -15.08 -19.19
C ALA A 286 -9.35 -14.55 -19.65
N LEU A 287 -8.52 -14.08 -18.72
CA LEU A 287 -7.18 -13.53 -19.06
C LEU A 287 -6.26 -14.68 -19.48
N ASP A 288 -6.41 -15.85 -18.88
CA ASP A 288 -5.53 -17.03 -19.11
C ASP A 288 -5.60 -17.46 -20.58
N ARG A 289 -6.62 -17.01 -21.33
CA ARG A 289 -6.82 -17.38 -22.76
C ARG A 289 -5.78 -16.68 -23.65
N TRP A 290 -5.49 -15.39 -23.42
CA TRP A 290 -4.70 -14.52 -24.33
C TRP A 290 -3.34 -14.11 -23.73
N ALA A 291 -3.18 -14.15 -22.41
CA ALA A 291 -2.04 -13.49 -21.71
C ALA A 291 -0.70 -13.92 -22.30
N THR A 292 0.16 -12.93 -22.61
CA THR A 292 1.59 -13.11 -22.94
C THR A 292 2.36 -13.40 -21.65
N LEU A 293 3.60 -13.88 -21.75
CA LEU A 293 4.38 -14.21 -20.53
C LEU A 293 4.47 -12.99 -19.61
N PRO A 294 4.77 -11.75 -20.09
CA PRO A 294 4.85 -10.60 -19.18
C PRO A 294 3.53 -10.34 -18.45
N VAL A 295 2.39 -10.41 -19.12
CA VAL A 295 1.05 -10.23 -18.47
C VAL A 295 0.85 -11.33 -17.42
N ARG A 296 1.23 -12.57 -17.73
CA ARG A 296 1.07 -13.72 -16.78
C ARG A 296 1.96 -13.46 -15.55
N LYS A 297 3.18 -12.98 -15.73
CA LYS A 297 4.10 -12.70 -14.59
C LYS A 297 3.54 -11.55 -13.74
N TYR A 298 2.98 -10.51 -14.38
CA TYR A 298 2.35 -9.35 -13.69
C TYR A 298 1.17 -9.84 -12.83
N VAL A 299 0.30 -10.67 -13.39
CA VAL A 299 -0.90 -11.19 -12.66
C VAL A 299 -0.41 -12.08 -11.50
N ARG A 300 0.61 -12.92 -11.70
CA ARG A 300 1.21 -13.71 -10.58
C ARG A 300 1.76 -12.72 -9.54
N GLY A 301 2.27 -11.57 -9.99
CA GLY A 301 2.76 -10.50 -9.11
C GLY A 301 1.65 -9.93 -8.24
N LEU A 302 0.48 -9.71 -8.82
CA LEU A 302 -0.72 -9.24 -8.08
C LEU A 302 -1.07 -10.29 -7.02
N GLU A 303 -1.02 -11.57 -7.38
CA GLU A 303 -1.41 -12.68 -6.47
C GLU A 303 -0.46 -12.73 -5.28
N HIS A 304 0.85 -12.69 -5.54
CA HIS A 304 1.90 -12.69 -4.49
C HIS A 304 1.73 -11.47 -3.59
N TRP A 305 1.37 -10.31 -4.15
CA TRP A 305 1.17 -9.06 -3.37
C TRP A 305 -0.01 -9.28 -2.41
N VAL A 306 -1.15 -9.74 -2.89
CA VAL A 306 -2.36 -9.93 -2.03
C VAL A 306 -2.01 -10.91 -0.90
N ARG A 307 -1.43 -12.07 -1.25
CA ARG A 307 -1.21 -13.17 -0.26
C ARG A 307 -0.10 -12.78 0.72
N GLY A 308 1.03 -12.25 0.21
CA GLY A 308 2.18 -11.80 1.03
C GLY A 308 1.77 -10.71 2.00
N HIS A 309 0.87 -9.83 1.57
CA HIS A 309 0.35 -8.73 2.43
C HIS A 309 -0.45 -9.31 3.60
N ILE A 310 -1.28 -10.33 3.34
CA ILE A 310 -2.08 -11.00 4.42
C ILE A 310 -1.11 -11.63 5.42
N ALA A 311 -0.12 -12.39 4.94
CA ALA A 311 0.86 -13.08 5.80
C ALA A 311 1.58 -12.04 6.67
N PHE A 312 2.05 -10.95 6.07
CA PHE A 312 2.77 -9.88 6.82
C PHE A 312 1.85 -9.28 7.89
N SER A 313 0.63 -8.91 7.49
CA SER A 313 -0.33 -8.21 8.39
C SER A 313 -0.74 -9.13 9.52
N LEU A 314 -1.10 -10.39 9.22
CA LEU A 314 -1.47 -11.39 10.25
C LEU A 314 -0.33 -11.51 11.26
N GLY A 315 0.92 -11.48 10.82
CA GLY A 315 2.10 -11.76 11.65
C GLY A 315 2.67 -10.52 12.33
N SER A 316 1.98 -9.37 12.26
CA SER A 316 2.52 -8.09 12.77
C SER A 316 2.21 -7.93 14.26
N ALA A 317 3.24 -7.98 15.10
CA ALA A 317 3.20 -7.74 16.56
C ALA A 317 2.31 -6.53 16.87
N ARG A 318 2.50 -5.43 16.13
CA ARG A 318 1.77 -4.15 16.38
C ARG A 318 0.29 -4.33 16.08
N TYR A 319 -0.09 -5.04 15.02
CA TYR A 319 -1.52 -5.24 14.65
C TYR A 319 -2.17 -6.19 15.66
N VAL A 320 -1.59 -7.37 15.86
CA VAL A 320 -2.15 -8.44 16.73
C VAL A 320 -2.25 -7.92 18.17
N GLY A 321 -1.20 -7.26 18.66
CA GLY A 321 -1.06 -6.73 20.03
C GLY A 321 -2.12 -5.71 20.41
N ALA A 322 -2.63 -4.92 19.45
CA ALA A 322 -3.61 -3.84 19.72
C ALA A 322 -5.01 -4.41 20.03
N TRP A 323 -5.33 -5.61 19.55
CA TRP A 323 -6.65 -6.24 19.82
C TRP A 323 -6.71 -6.61 21.30
N PRO A 324 -7.90 -6.58 21.94
CA PRO A 324 -8.03 -7.02 23.33
C PRO A 324 -7.57 -8.46 23.53
N ASP A 325 -7.08 -8.78 24.73
CA ASP A 325 -6.40 -10.06 25.06
C ASP A 325 -7.31 -11.27 24.78
N ASP A 326 -8.64 -11.12 24.90
CA ASP A 326 -9.60 -12.25 24.75
C ASP A 326 -9.99 -12.44 23.29
N THR A 327 -9.45 -11.65 22.35
CA THR A 327 -9.81 -11.72 20.91
C THR A 327 -9.48 -13.10 20.33
N ARG A 328 -10.38 -13.65 19.53
CA ARG A 328 -10.19 -14.99 18.95
C ARG A 328 -9.72 -14.86 17.49
N TRP A 329 -8.58 -15.47 17.21
CA TRP A 329 -7.93 -15.52 15.87
C TRP A 329 -8.37 -16.80 15.16
N PRO A 330 -8.59 -16.78 13.82
CA PRO A 330 -9.02 -17.96 13.07
C PRO A 330 -7.86 -18.95 12.86
N ARG A 331 -8.17 -20.21 12.52
CA ARG A 331 -7.17 -21.22 12.09
C ARG A 331 -6.47 -20.70 10.83
N ALA A 332 -5.17 -21.00 10.70
CA ALA A 332 -4.36 -20.75 9.49
C ALA A 332 -5.10 -21.28 8.25
N VAL A 333 -5.40 -20.41 7.28
CA VAL A 333 -5.99 -20.75 5.95
C VAL A 333 -4.93 -20.52 4.86
MG MG B . -2.66 6.70 5.30
MG MG C . 4.00 -0.95 -28.51
C1 GOL D . 1.23 1.22 2.08
O1 GOL D . 2.00 2.27 2.68
C2 GOL D . 1.88 0.72 0.81
O2 GOL D . 2.98 -0.12 1.12
C3 GOL D . 0.92 -0.01 -0.11
O3 GOL D . 0.02 -0.82 0.63
C1 EDO E . 4.31 0.19 11.04
O1 EDO E . 5.05 1.37 10.84
C2 EDO E . 3.38 -0.13 9.93
O2 EDO E . 3.86 -1.17 9.09
#